data_3RQ0
#
_entry.id   3RQ0
#
_cell.length_a   117.420
_cell.length_b   117.420
_cell.length_c   54.909
_cell.angle_alpha   90.00
_cell.angle_beta   90.00
_cell.angle_gamma   90.00
#
_symmetry.space_group_name_H-M   'P 41 21 2'
#
loop_
_entity.id
_entity.type
_entity.pdbx_description
1 polymer 'Glycosyl hydrolases family protein 16'
2 non-polymer 'CALCIUM ION'
3 non-polymer 'PHOSPHATE ION'
4 non-polymer DI(HYDROXYETHYL)ETHER
5 non-polymer 'TETRAETHYLENE GLYCOL'
6 non-polymer GLYCEROL
7 non-polymer "2,2',2''-NITRILOTRIETHANOL"
8 water water
#
_entity_poly.entity_id   1
_entity_poly.type   'polypeptide(L)'
_entity_poly.pdbx_seq_one_letter_code
;SNA(MSE)ANVDRRQ(MSE)LLLSGLGATAAVLPVPRAAAVPNQTAASYVFADEFDGPAGSAPSAAKWTIAKARETIQDP
TYWEQPGRIGQYRNDRRNVFLDGKSNLVIRAAKDGDTYYSAKLASVWEGGAGHTWEARIKFNCLTAGAWPAFWLGNTGEG
ELDIIEWYGNGSWPSATTVHAKSNGGEWKTHNIAVDNGWHRWRTQWDAEGARFWLDYTDGAQPYFEVAASSLPDWPFDQP
GYT(MSE)FVVLNLAVAGSGGGDPSGGTYPAD(MSE)LVDWVRVW
;
_entity_poly.pdbx_strand_id   A
#
# COMPACT_ATOMS: atom_id res chain seq x y z
N SER A 40 6.95 0.03 22.80
CA SER A 40 6.16 -1.19 22.86
C SER A 40 5.24 -1.33 21.65
N TYR A 41 5.80 -1.82 20.55
CA TYR A 41 5.04 -2.02 19.32
C TYR A 41 4.37 -3.39 19.31
N VAL A 42 3.17 -3.48 18.74
CA VAL A 42 2.57 -4.80 18.53
C VAL A 42 3.07 -5.41 17.22
N PHE A 43 3.57 -4.57 16.33
CA PHE A 43 4.21 -5.02 15.10
C PHE A 43 5.13 -3.95 14.59
N ALA A 44 6.32 -4.34 14.15
CA ALA A 44 7.24 -3.34 13.62
C ALA A 44 8.25 -4.01 12.73
N ASP A 45 8.68 -3.28 11.69
CA ASP A 45 9.84 -3.70 10.93
C ASP A 45 10.63 -2.45 10.60
N GLU A 46 11.89 -2.42 11.04
CA GLU A 46 12.78 -1.31 10.77
C GLU A 46 13.61 -1.57 9.52
N PHE A 47 13.43 -2.74 8.91
CA PHE A 47 14.13 -3.08 7.67
C PHE A 47 15.63 -2.91 7.73
N ASP A 48 16.20 -3.26 8.87
CA ASP A 48 17.64 -3.30 9.02
C ASP A 48 18.18 -4.62 8.48
N GLY A 49 19.43 -4.64 8.10
CA GLY A 49 20.00 -5.82 7.47
C GLY A 49 20.82 -5.44 6.27
N PRO A 50 21.61 -6.38 5.76
CA PRO A 50 22.61 -6.06 4.74
C PRO A 50 21.98 -5.76 3.40
N ALA A 51 22.64 -4.92 2.61
CA ALA A 51 22.20 -4.60 1.26
C ALA A 51 21.98 -5.87 0.44
N GLY A 52 20.90 -5.90 -0.33
CA GLY A 52 20.63 -7.01 -1.24
C GLY A 52 19.94 -8.20 -0.60
N SER A 53 19.71 -8.15 0.71
CA SER A 53 19.04 -9.26 1.37
C SER A 53 17.51 -9.12 1.34
N ALA A 54 16.82 -10.21 1.66
CA ALA A 54 15.36 -10.24 1.60
C ALA A 54 14.75 -9.71 2.89
N PRO A 55 13.53 -9.14 2.80
CA PRO A 55 12.85 -8.77 4.04
C PRO A 55 12.49 -10.01 4.86
N SER A 56 12.26 -9.83 6.15
CA SER A 56 11.97 -10.94 7.06
C SER A 56 10.81 -11.82 6.57
N ALA A 57 11.11 -13.09 6.33
CA ALA A 57 10.08 -14.06 5.95
C ALA A 57 9.13 -14.36 7.11
N ALA A 58 9.57 -14.05 8.32
CA ALA A 58 8.72 -14.19 9.50
C ALA A 58 7.66 -13.09 9.56
N LYS A 59 7.95 -11.95 8.96
CA LYS A 59 7.02 -10.83 9.05
C LYS A 59 6.21 -10.61 7.78
N TRP A 60 6.76 -10.99 6.62
CA TRP A 60 6.12 -10.63 5.36
C TRP A 60 5.96 -11.80 4.40
N THR A 61 4.81 -11.84 3.74
CA THR A 61 4.61 -12.72 2.60
C THR A 61 4.83 -11.91 1.34
N ILE A 62 5.70 -12.40 0.46
CA ILE A 62 6.02 -11.70 -0.78
C ILE A 62 5.26 -12.32 -1.95
N ALA A 63 4.53 -11.48 -2.68
CA ALA A 63 3.65 -11.97 -3.74
C ALA A 63 4.42 -12.65 -4.87
N LYS A 64 3.91 -13.75 -5.39
CA LYS A 64 4.56 -14.49 -6.48
C LYS A 64 3.89 -14.24 -7.84
N ALA A 65 2.80 -13.47 -7.85
CA ALA A 65 2.06 -13.16 -9.07
C ALA A 65 1.13 -11.96 -8.84
N ARG A 66 0.77 -11.26 -9.91
CA ARG A 66 -0.23 -10.20 -9.81
C ARG A 66 -1.59 -10.88 -9.74
N GLU A 67 -2.50 -10.34 -8.94
CA GLU A 67 -3.84 -10.92 -8.84
C GLU A 67 -4.48 -10.99 -10.22
N THR A 68 -5.43 -11.92 -10.39
CA THR A 68 -6.14 -12.08 -11.66
C THR A 68 -7.37 -11.17 -11.69
N ILE A 69 -7.51 -10.39 -12.76
CA ILE A 69 -8.63 -9.44 -12.87
C ILE A 69 -9.78 -10.10 -13.63
N GLN A 70 -10.96 -10.17 -13.00
CA GLN A 70 -12.07 -10.90 -13.59
C GLN A 70 -12.47 -10.42 -14.98
N ASP A 71 -12.80 -9.14 -15.10
CA ASP A 71 -13.19 -8.58 -16.40
C ASP A 71 -12.25 -7.42 -16.71
N PRO A 72 -11.05 -7.72 -17.23
CA PRO A 72 -9.95 -6.76 -17.32
C PRO A 72 -10.20 -5.62 -18.30
N THR A 73 -9.91 -4.40 -17.87
CA THR A 73 -9.78 -3.30 -18.81
C THR A 73 -8.47 -3.50 -19.56
N TYR A 74 -8.22 -2.63 -20.53
CA TYR A 74 -7.06 -2.77 -21.42
C TYR A 74 -5.72 -3.06 -20.71
N TRP A 75 -5.44 -2.31 -19.65
CA TRP A 75 -4.15 -2.43 -18.96
C TRP A 75 -4.17 -3.47 -17.85
N GLU A 76 -5.30 -4.14 -17.71
CA GLU A 76 -5.43 -5.26 -16.76
C GLU A 76 -5.31 -6.60 -17.47
N GLN A 77 -5.16 -6.58 -18.78
CA GLN A 77 -5.12 -7.80 -19.58
C GLN A 77 -3.83 -8.55 -19.30
N PRO A 78 -3.93 -9.87 -19.10
CA PRO A 78 -2.70 -10.65 -18.99
C PRO A 78 -1.78 -10.28 -20.16
N GLY A 79 -0.51 -10.05 -19.89
CA GLY A 79 0.40 -9.61 -20.93
C GLY A 79 0.63 -8.10 -20.97
N ARG A 80 -0.25 -7.33 -20.34
CA ARG A 80 -0.03 -5.89 -20.19
C ARG A 80 0.06 -5.50 -18.73
N ILE A 81 -0.66 -6.22 -17.88
CA ILE A 81 -0.63 -5.94 -16.46
C ILE A 81 0.78 -6.22 -15.92
N GLY A 82 1.27 -5.38 -15.01
CA GLY A 82 2.55 -5.66 -14.38
C GLY A 82 2.45 -6.88 -13.48
N GLN A 83 3.57 -7.57 -13.31
CA GLN A 83 3.61 -8.75 -12.46
C GLN A 83 4.30 -8.50 -11.12
N TYR A 84 4.08 -9.39 -10.17
CA TYR A 84 4.81 -9.40 -8.91
C TYR A 84 5.63 -10.67 -8.88
N ARG A 85 6.77 -10.62 -8.21
CA ARG A 85 7.54 -11.84 -7.93
C ARG A 85 8.43 -11.65 -6.73
N ASN A 86 8.82 -12.77 -6.13
CA ASN A 86 9.78 -12.77 -5.05
C ASN A 86 11.18 -12.93 -5.65
N ASP A 87 11.76 -11.81 -6.06
CA ASP A 87 13.05 -11.79 -6.72
C ASP A 87 13.84 -10.67 -6.07
N ARG A 88 15.11 -10.91 -5.73
CA ARG A 88 15.90 -9.91 -5.01
C ARG A 88 16.15 -8.65 -5.84
N ARG A 89 15.87 -8.72 -7.14
CA ARG A 89 15.99 -7.51 -7.96
C ARG A 89 14.79 -6.58 -7.75
N ASN A 90 13.67 -7.14 -7.30
CA ASN A 90 12.45 -6.35 -7.14
C ASN A 90 12.07 -6.01 -5.70
N VAL A 91 12.59 -6.77 -4.74
CA VAL A 91 12.33 -6.45 -3.34
C VAL A 91 13.50 -6.90 -2.46
N PHE A 92 14.11 -5.93 -1.81
CA PHE A 92 15.37 -6.14 -1.11
C PHE A 92 15.62 -4.98 -0.15
N LEU A 93 16.48 -5.21 0.83
CA LEU A 93 16.91 -4.18 1.76
C LEU A 93 18.11 -3.46 1.17
N ASP A 94 18.21 -2.14 1.37
CA ASP A 94 19.31 -1.41 0.74
C ASP A 94 20.56 -1.35 1.61
N GLY A 95 20.47 -1.91 2.82
CA GLY A 95 21.61 -1.91 3.72
C GLY A 95 21.75 -0.58 4.45
N LYS A 96 20.78 0.31 4.22
CA LYS A 96 20.77 1.61 4.88
C LYS A 96 19.44 1.80 5.63
N SER A 97 18.85 0.69 6.06
CA SER A 97 17.62 0.71 6.84
C SER A 97 16.34 0.89 5.99
N ASN A 98 16.43 0.71 4.68
CA ASN A 98 15.24 0.81 3.84
C ASN A 98 14.90 -0.46 3.08
N LEU A 99 13.62 -0.80 3.07
CA LEU A 99 13.09 -1.75 2.11
C LEU A 99 13.00 -1.04 0.77
N VAL A 100 13.44 -1.70 -0.29
CA VAL A 100 13.28 -1.18 -1.63
C VAL A 100 12.32 -2.09 -2.37
N ILE A 101 11.22 -1.53 -2.87
CA ILE A 101 10.36 -2.24 -3.79
C ILE A 101 10.59 -1.61 -5.16
N ARG A 102 11.09 -2.40 -6.11
CA ARG A 102 11.49 -1.85 -7.40
C ARG A 102 10.70 -2.45 -8.56
N ALA A 103 10.16 -1.57 -9.40
CA ALA A 103 9.49 -1.96 -10.63
C ALA A 103 10.48 -1.79 -11.77
N ALA A 104 10.65 -2.84 -12.57
CA ALA A 104 11.57 -2.79 -13.70
C ALA A 104 11.13 -3.76 -14.79
N LYS A 105 11.42 -3.42 -16.04
CA LYS A 105 11.06 -4.27 -17.16
C LYS A 105 12.07 -5.42 -17.28
N ASP A 106 11.57 -6.64 -17.40
CA ASP A 106 12.41 -7.82 -17.63
C ASP A 106 11.88 -8.53 -18.87
N GLY A 107 12.60 -8.45 -19.99
CA GLY A 107 12.06 -8.96 -21.24
C GLY A 107 10.89 -8.09 -21.64
N ASP A 108 9.70 -8.67 -21.73
CA ASP A 108 8.52 -7.93 -22.17
C ASP A 108 7.55 -7.61 -21.04
N THR A 109 7.93 -7.94 -19.81
CA THR A 109 7.02 -7.84 -18.68
C THR A 109 7.60 -6.95 -17.61
N TYR A 110 6.78 -6.04 -17.08
CA TYR A 110 7.19 -5.26 -15.92
C TYR A 110 7.01 -6.10 -14.67
N TYR A 111 8.07 -6.21 -13.87
CA TYR A 111 7.96 -6.90 -12.59
C TYR A 111 8.16 -5.91 -11.45
N SER A 112 7.46 -6.18 -10.34
CA SER A 112 7.58 -5.37 -9.14
C SER A 112 7.28 -6.27 -7.95
N ALA A 113 6.88 -5.68 -6.82
CA ALA A 113 6.62 -6.49 -5.64
C ALA A 113 5.50 -6.00 -4.73
N LYS A 114 4.98 -6.93 -3.92
CA LYS A 114 3.92 -6.69 -2.96
C LYS A 114 4.25 -7.48 -1.71
N LEU A 115 4.19 -6.85 -0.54
CA LEU A 115 4.38 -7.57 0.72
C LEU A 115 3.14 -7.44 1.57
N ALA A 116 2.70 -8.55 2.16
CA ALA A 116 1.59 -8.52 3.10
C ALA A 116 2.06 -9.08 4.45
N SER A 117 1.77 -8.38 5.54
CA SER A 117 2.28 -8.84 6.83
C SER A 117 1.61 -10.17 7.16
N VAL A 118 2.37 -11.06 7.77
CA VAL A 118 1.79 -12.28 8.32
C VAL A 118 0.94 -11.93 9.55
N TRP A 119 1.50 -11.11 10.42
CA TRP A 119 0.76 -10.58 11.57
C TRP A 119 -0.49 -9.77 11.15
N GLU A 120 -1.51 -9.78 12.00
CA GLU A 120 -2.69 -8.97 11.80
C GLU A 120 -3.07 -8.29 13.12
N GLY A 121 -3.58 -7.06 13.03
CA GLY A 121 -3.93 -6.29 14.22
C GLY A 121 -5.37 -5.82 14.22
N GLY A 122 -5.93 -5.64 15.41
CA GLY A 122 -7.32 -5.27 15.55
C GLY A 122 -7.55 -3.80 15.86
N ALA A 123 -8.74 -3.48 16.32
CA ALA A 123 -9.11 -2.10 16.64
C ALA A 123 -8.28 -1.52 17.77
N GLY A 124 -8.13 -0.19 17.75
CA GLY A 124 -7.49 0.51 18.83
C GLY A 124 -5.98 0.55 18.74
N HIS A 125 -5.45 0.66 17.52
CA HIS A 125 -4.02 0.85 17.33
C HIS A 125 -3.75 2.01 16.38
N THR A 126 -2.51 2.48 16.43
CA THR A 126 -1.99 3.48 15.52
C THR A 126 -1.00 2.78 14.60
N TRP A 127 -1.10 3.04 13.30
CA TRP A 127 -0.32 2.32 12.29
C TRP A 127 0.40 3.36 11.45
N GLU A 128 1.71 3.24 11.29
CA GLU A 128 2.45 4.28 10.58
C GLU A 128 3.61 3.69 9.81
N ALA A 129 3.85 4.21 8.61
CA ALA A 129 5.05 3.84 7.86
C ALA A 129 5.72 5.09 7.32
N ARG A 130 7.06 5.06 7.28
CA ARG A 130 7.84 6.15 6.68
C ARG A 130 8.26 5.70 5.29
N ILE A 131 7.87 6.48 4.28
CA ILE A 131 7.90 6.00 2.89
C ILE A 131 8.41 7.11 1.99
N LYS A 132 9.17 6.72 0.96
CA LYS A 132 9.60 7.67 -0.06
C LYS A 132 9.21 7.12 -1.42
N PHE A 133 8.37 7.86 -2.14
CA PHE A 133 7.92 7.44 -3.45
C PHE A 133 8.83 7.96 -4.53
N ASN A 134 9.82 7.13 -4.92
CA ASN A 134 10.70 7.44 -6.04
C ASN A 134 10.15 6.78 -7.30
N CYS A 135 8.84 6.78 -7.43
CA CYS A 135 8.18 6.01 -8.48
C CYS A 135 6.93 6.69 -8.98
N LEU A 136 6.85 8.01 -8.83
CA LEU A 136 5.65 8.70 -9.30
C LEU A 136 5.76 8.93 -10.80
N THR A 137 5.59 7.87 -11.58
CA THR A 137 5.81 7.95 -13.01
C THR A 137 4.67 7.24 -13.76
N ALA A 138 4.52 7.51 -15.05
CA ALA A 138 3.45 6.86 -15.80
C ALA A 138 3.54 5.33 -15.69
N GLY A 139 2.40 4.71 -15.41
CA GLY A 139 2.31 3.27 -15.32
C GLY A 139 2.41 2.74 -13.90
N ALA A 140 2.94 3.54 -12.98
CA ALA A 140 3.21 3.07 -11.63
C ALA A 140 2.00 3.27 -10.72
N TRP A 141 1.89 2.44 -9.69
CA TRP A 141 0.72 2.46 -8.81
C TRP A 141 1.13 1.96 -7.43
N PRO A 142 1.82 2.80 -6.65
CA PRO A 142 2.24 2.45 -5.29
C PRO A 142 1.11 2.54 -4.30
N ALA A 143 1.13 1.70 -3.27
CA ALA A 143 0.12 1.78 -2.23
C ALA A 143 0.61 1.26 -0.88
N PHE A 144 0.09 1.88 0.18
CA PHE A 144 0.31 1.45 1.56
C PHE A 144 -1.12 1.34 2.08
N TRP A 145 -1.51 0.15 2.53
CA TRP A 145 -2.90 -0.08 2.93
C TRP A 145 -3.07 -1.20 3.95
N LEU A 146 -4.20 -1.20 4.64
CA LEU A 146 -4.51 -2.30 5.53
C LEU A 146 -5.61 -3.10 4.89
N GLY A 147 -5.45 -4.42 4.87
CA GLY A 147 -6.38 -5.28 4.16
C GLY A 147 -7.08 -6.30 5.04
N ASN A 148 -8.14 -6.87 4.47
CA ASN A 148 -8.89 -7.93 5.10
C ASN A 148 -9.50 -8.73 3.96
N THR A 149 -9.46 -10.05 4.01
CA THR A 149 -9.93 -10.83 2.86
C THR A 149 -11.46 -10.94 2.76
N GLY A 150 -12.16 -10.58 3.84
CA GLY A 150 -13.62 -10.60 3.85
C GLY A 150 -14.24 -9.27 3.43
N GLU A 151 -14.13 -8.26 4.29
CA GLU A 151 -14.63 -6.93 3.95
C GLU A 151 -13.92 -5.87 4.77
N GLY A 152 -13.87 -4.65 4.24
CA GLY A 152 -13.16 -3.57 4.89
C GLY A 152 -11.77 -3.41 4.34
N GLU A 153 -11.42 -2.17 4.03
CA GLU A 153 -10.09 -1.84 3.54
C GLU A 153 -9.78 -0.39 3.85
N LEU A 154 -8.56 -0.13 4.33
CA LEU A 154 -8.11 1.22 4.59
C LEU A 154 -6.95 1.51 3.67
N ASP A 155 -7.22 2.22 2.59
CA ASP A 155 -6.17 2.59 1.66
C ASP A 155 -5.57 3.87 2.18
N ILE A 156 -4.48 3.73 2.93
CA ILE A 156 -3.85 4.85 3.62
C ILE A 156 -3.33 5.87 2.62
N ILE A 157 -2.65 5.40 1.58
CA ILE A 157 -2.35 6.25 0.44
C ILE A 157 -2.13 5.41 -0.82
N GLU A 158 -2.71 5.85 -1.93
CA GLU A 158 -2.43 5.29 -3.25
C GLU A 158 -2.12 6.43 -4.18
N TRP A 159 -1.18 6.23 -5.09
CA TRP A 159 -0.93 7.20 -6.14
C TRP A 159 -1.11 6.48 -7.46
N TYR A 160 -1.78 7.12 -8.42
CA TYR A 160 -2.13 6.45 -9.67
C TYR A 160 -1.36 7.01 -10.85
N GLY A 161 -0.72 6.12 -11.61
CA GLY A 161 0.10 6.56 -12.73
C GLY A 161 -0.63 6.57 -14.06
N ASN A 162 -1.94 6.34 -14.04
CA ASN A 162 -2.71 6.23 -15.27
C ASN A 162 -3.05 7.56 -15.94
N GLY A 163 -2.67 8.66 -15.29
CA GLY A 163 -2.91 9.99 -15.83
C GLY A 163 -4.33 10.53 -15.67
N SER A 164 -5.18 9.81 -14.94
CA SER A 164 -6.56 10.24 -14.74
C SER A 164 -6.93 10.40 -13.27
N TRP A 165 -6.63 9.38 -12.48
CA TRP A 165 -7.09 9.32 -11.10
C TRP A 165 -6.19 10.13 -10.16
N PRO A 166 -6.80 11.00 -9.34
CA PRO A 166 -6.03 11.75 -8.35
C PRO A 166 -5.61 10.82 -7.21
N SER A 167 -4.44 11.06 -6.64
CA SER A 167 -3.98 10.27 -5.51
C SER A 167 -4.89 10.52 -4.32
N ALA A 168 -5.08 9.53 -3.48
CA ALA A 168 -6.12 9.64 -2.46
C ALA A 168 -6.02 8.62 -1.35
N THR A 169 -6.69 8.92 -0.25
CA THR A 169 -6.88 7.99 0.87
C THR A 169 -8.33 7.53 0.84
N THR A 170 -8.57 6.23 1.00
CA THR A 170 -9.94 5.71 0.87
C THR A 170 -10.29 4.70 1.95
N VAL A 171 -11.51 4.79 2.49
CA VAL A 171 -12.03 3.82 3.43
C VAL A 171 -13.11 3.03 2.69
N HIS A 172 -12.98 1.70 2.64
CA HIS A 172 -13.99 0.84 2.03
C HIS A 172 -14.67 -0.03 3.08
N ALA A 173 -15.98 -0.21 2.92
CA ALA A 173 -16.72 -1.24 3.63
C ALA A 173 -17.41 -2.10 2.57
N LYS A 174 -17.99 -3.21 2.99
CA LYS A 174 -18.75 -4.08 2.08
C LYS A 174 -17.88 -5.00 1.22
N SER A 175 -18.40 -6.20 0.98
CA SER A 175 -17.69 -7.27 0.28
C SER A 175 -16.87 -6.83 -0.95
N ASN A 176 -17.51 -6.09 -1.86
CA ASN A 176 -16.82 -5.65 -3.08
C ASN A 176 -16.12 -4.31 -2.91
N GLY A 177 -16.18 -3.76 -1.69
CA GLY A 177 -15.62 -2.46 -1.41
C GLY A 177 -16.42 -1.35 -2.07
N GLY A 178 -17.67 -1.66 -2.42
CA GLY A 178 -18.53 -0.75 -3.17
C GLY A 178 -19.23 0.32 -2.34
N GLU A 179 -18.82 0.44 -1.09
CA GLU A 179 -19.30 1.49 -0.19
C GLU A 179 -18.07 2.10 0.49
N TRP A 180 -17.78 3.36 0.18
CA TRP A 180 -16.50 3.94 0.55
C TRP A 180 -16.60 5.44 0.76
N LYS A 181 -15.57 5.99 1.39
CA LYS A 181 -15.39 7.43 1.49
C LYS A 181 -13.96 7.70 1.05
N THR A 182 -13.74 8.70 0.21
CA THR A 182 -12.41 8.95 -0.32
C THR A 182 -12.03 10.41 -0.16
N HIS A 183 -10.72 10.66 -0.10
CA HIS A 183 -10.20 12.00 0.12
C HIS A 183 -8.93 12.18 -0.68
N ASN A 184 -8.98 13.10 -1.64
CA ASN A 184 -7.83 13.38 -2.48
C ASN A 184 -6.73 14.06 -1.69
N ILE A 185 -5.49 13.59 -1.86
CA ILE A 185 -4.36 14.25 -1.25
C ILE A 185 -3.13 14.09 -2.13
N ALA A 186 -2.40 15.19 -2.31
CA ALA A 186 -1.27 15.22 -3.23
C ALA A 186 -0.07 14.47 -2.66
N VAL A 187 0.63 13.77 -3.54
CA VAL A 187 1.81 13.03 -3.14
C VAL A 187 3.01 13.58 -3.90
N ASP A 188 4.11 13.81 -3.18
CA ASP A 188 5.36 14.13 -3.86
C ASP A 188 6.41 13.05 -3.59
N ASN A 189 7.65 13.28 -4.02
CA ASN A 189 8.66 12.23 -3.89
C ASN A 189 9.55 12.39 -2.65
N GLY A 190 9.12 13.19 -1.67
CA GLY A 190 9.90 13.36 -0.46
C GLY A 190 9.62 12.24 0.54
N TRP A 191 10.45 12.14 1.58
CA TRP A 191 10.15 11.25 2.70
C TRP A 191 8.93 11.76 3.46
N HIS A 192 7.96 10.88 3.71
CA HIS A 192 6.79 11.24 4.52
C HIS A 192 6.39 10.09 5.43
N ARG A 193 5.77 10.43 6.55
CA ARG A 193 5.12 9.44 7.42
C ARG A 193 3.61 9.44 7.20
N TRP A 194 3.08 8.26 6.87
CA TRP A 194 1.64 8.05 6.65
C TRP A 194 1.08 7.24 7.81
N ARG A 195 0.10 7.81 8.51
CA ARG A 195 -0.41 7.23 9.74
C ARG A 195 -1.92 7.08 9.66
N THR A 196 -2.45 5.98 10.18
CA THR A 196 -3.87 5.82 10.40
C THR A 196 -4.11 5.30 11.82
N GLN A 197 -5.24 5.68 12.41
CA GLN A 197 -5.76 5.07 13.62
C GLN A 197 -7.16 4.61 13.28
N TRP A 198 -7.58 3.46 13.78
CA TRP A 198 -8.95 3.02 13.58
C TRP A 198 -9.42 2.16 14.74
N ASP A 199 -10.72 2.22 15.00
CA ASP A 199 -11.32 1.42 16.05
C ASP A 199 -12.79 1.23 15.70
N ALA A 200 -13.58 0.74 16.65
CA ALA A 200 -14.99 0.47 16.36
C ALA A 200 -15.76 1.72 15.93
N GLU A 201 -15.29 2.91 16.32
CA GLU A 201 -16.06 4.13 16.10
C GLU A 201 -15.66 4.91 14.85
N GLY A 202 -14.48 4.65 14.29
CA GLY A 202 -14.05 5.42 13.13
C GLY A 202 -12.63 5.17 12.68
N ALA A 203 -12.23 5.86 11.61
CA ALA A 203 -10.87 5.77 11.09
C ALA A 203 -10.36 7.17 10.82
N ARG A 204 -9.08 7.41 11.12
CA ARG A 204 -8.46 8.71 10.98
C ARG A 204 -7.11 8.60 10.28
N PHE A 205 -6.75 9.63 9.52
CA PHE A 205 -5.50 9.60 8.76
C PHE A 205 -4.69 10.88 8.92
N TRP A 206 -3.38 10.74 9.01
CA TRP A 206 -2.48 11.90 9.09
C TRP A 206 -1.32 11.78 8.11
N LEU A 207 -0.83 12.93 7.68
CA LEU A 207 0.42 13.00 6.93
C LEU A 207 1.43 13.73 7.79
N ASP A 208 2.62 13.17 7.95
CA ASP A 208 3.66 13.78 8.77
C ASP A 208 3.16 14.23 10.14
N TYR A 209 2.49 13.31 10.84
CA TYR A 209 1.91 13.58 12.16
C TYR A 209 2.82 14.38 13.08
N THR A 210 2.26 15.43 13.68
CA THR A 210 2.91 16.10 14.82
C THR A 210 1.95 16.15 16.00
N ASP A 211 2.50 16.30 17.20
CA ASP A 211 1.76 16.24 18.45
C ASP A 211 0.40 16.95 18.37
N GLY A 212 -0.69 16.19 18.48
CA GLY A 212 -2.02 16.75 18.55
C GLY A 212 -2.59 17.34 17.27
N ALA A 213 -1.93 17.08 16.14
CA ALA A 213 -2.43 17.53 14.84
C ALA A 213 -3.78 16.90 14.50
N GLN A 214 -4.61 17.63 13.77
CA GLN A 214 -5.89 17.11 13.28
C GLN A 214 -5.62 16.17 12.10
N PRO A 215 -6.39 15.08 12.01
CA PRO A 215 -6.30 14.20 10.82
C PRO A 215 -6.68 15.00 9.58
N TYR A 216 -6.08 14.72 8.43
CA TYR A 216 -6.49 15.40 7.21
C TYR A 216 -7.78 14.77 6.66
N PHE A 217 -8.12 13.60 7.19
CA PHE A 217 -9.29 12.86 6.75
C PHE A 217 -9.73 11.96 7.90
N GLU A 218 -11.01 11.97 8.22
CA GLU A 218 -11.54 10.99 9.18
C GLU A 218 -12.91 10.52 8.74
N VAL A 219 -13.25 9.28 9.09
CA VAL A 219 -14.51 8.68 8.71
C VAL A 219 -15.18 8.09 9.95
N ALA A 220 -16.39 8.55 10.24
CA ALA A 220 -17.20 8.02 11.33
C ALA A 220 -17.84 6.71 10.92
N ALA A 221 -17.86 5.73 11.82
CA ALA A 221 -18.55 4.46 11.56
C ALA A 221 -19.96 4.69 11.03
N SER A 222 -20.66 5.66 11.60
CA SER A 222 -22.07 5.90 11.26
C SER A 222 -22.25 6.33 9.82
N SER A 223 -21.18 6.80 9.18
CA SER A 223 -21.28 7.26 7.80
C SER A 223 -21.21 6.11 6.78
N LEU A 224 -20.84 4.92 7.24
CA LEU A 224 -20.83 3.73 6.38
C LEU A 224 -21.73 2.62 6.96
N PRO A 225 -22.89 2.39 6.35
CA PRO A 225 -23.89 1.45 6.88
C PRO A 225 -23.33 0.05 7.21
N ASP A 226 -22.37 -0.43 6.42
CA ASP A 226 -21.89 -1.81 6.59
C ASP A 226 -20.57 -1.91 7.35
N TRP A 227 -20.18 -0.80 7.98
CA TRP A 227 -18.98 -0.71 8.82
C TRP A 227 -18.57 -2.03 9.51
N PRO A 228 -17.51 -2.68 9.01
CA PRO A 228 -17.11 -3.98 9.58
C PRO A 228 -16.07 -3.89 10.71
N PHE A 229 -15.48 -2.71 10.89
CA PHE A 229 -14.35 -2.54 11.79
C PHE A 229 -14.72 -2.67 13.27
N ASP A 230 -16.02 -2.64 13.56
CA ASP A 230 -16.50 -2.81 14.93
C ASP A 230 -16.78 -4.27 15.30
N GLN A 231 -16.57 -5.20 14.36
CA GLN A 231 -16.83 -6.61 14.66
C GLN A 231 -15.81 -7.12 15.67
N PRO A 232 -16.28 -7.75 16.74
CA PRO A 232 -15.36 -8.29 17.76
C PRO A 232 -14.29 -9.17 17.12
N GLY A 233 -13.01 -8.88 17.39
CA GLY A 233 -11.91 -9.70 16.91
C GLY A 233 -11.46 -9.41 15.49
N TYR A 234 -12.13 -8.47 14.84
CA TYR A 234 -11.78 -8.11 13.46
C TYR A 234 -10.32 -7.66 13.41
N THR A 235 -9.54 -8.19 12.47
CA THR A 235 -8.14 -7.76 12.32
C THR A 235 -7.79 -7.50 10.86
N PHE A 237 -4.24 -7.00 7.99
CA PHE A 237 -2.81 -7.13 7.69
C PHE A 237 -2.33 -5.88 6.99
N VAL A 238 -1.02 -5.61 7.07
CA VAL A 238 -0.42 -4.48 6.38
C VAL A 238 0.02 -4.87 4.98
N VAL A 239 -0.24 -4.01 4.00
CA VAL A 239 0.26 -4.24 2.64
C VAL A 239 1.10 -3.07 2.15
N LEU A 240 2.26 -3.37 1.59
CA LEU A 240 3.08 -2.40 0.89
C LEU A 240 3.30 -2.95 -0.51
N ASN A 241 2.97 -2.18 -1.53
CA ASN A 241 3.15 -2.69 -2.88
C ASN A 241 3.37 -1.58 -3.90
N LEU A 242 4.05 -1.91 -4.99
CA LEU A 242 4.18 -1.01 -6.12
C LEU A 242 3.71 -1.79 -7.35
N ALA A 243 2.51 -1.50 -7.82
CA ALA A 243 1.99 -2.18 -9.00
C ALA A 243 2.41 -1.42 -10.25
N VAL A 244 2.46 -2.12 -11.38
CA VAL A 244 2.64 -1.49 -12.68
C VAL A 244 1.42 -1.82 -13.54
N ALA A 245 0.95 -0.81 -14.29
CA ALA A 245 -0.23 -0.96 -15.12
C ALA A 245 -1.42 -1.43 -14.30
N GLY A 246 -2.32 -2.20 -14.90
CA GLY A 246 -3.61 -2.43 -14.30
C GLY A 246 -4.42 -1.14 -14.39
N SER A 247 -5.58 -1.10 -13.74
CA SER A 247 -6.48 0.05 -13.87
C SER A 247 -5.85 1.35 -13.38
N GLY A 248 -5.34 1.35 -12.15
CA GLY A 248 -4.72 2.53 -11.57
C GLY A 248 -3.40 2.93 -12.21
N GLY A 249 -2.64 1.92 -12.66
CA GLY A 249 -1.33 2.18 -13.22
C GLY A 249 -1.37 2.70 -14.64
N GLY A 250 -2.17 2.07 -15.48
CA GLY A 250 -2.28 2.47 -16.88
C GLY A 250 -1.01 2.18 -17.65
N ASP A 251 -0.86 2.84 -18.79
CA ASP A 251 0.24 2.66 -19.71
C ASP A 251 1.58 3.04 -19.10
N PRO A 252 2.53 2.09 -19.04
CA PRO A 252 3.84 2.44 -18.49
C PRO A 252 4.85 2.87 -19.56
N SER A 253 4.44 2.92 -20.83
CA SER A 253 5.41 3.07 -21.92
C SER A 253 6.15 4.39 -21.86
N GLY A 254 5.52 5.41 -21.29
CA GLY A 254 6.13 6.72 -21.20
C GLY A 254 6.76 7.00 -19.85
N GLY A 255 6.75 6.01 -18.98
CA GLY A 255 7.26 6.18 -17.62
C GLY A 255 8.74 5.93 -17.49
N THR A 256 9.29 6.29 -16.34
CA THR A 256 10.72 6.14 -16.08
C THR A 256 10.98 4.96 -15.13
N TYR A 257 11.55 3.90 -15.69
CA TYR A 257 11.85 2.68 -14.94
C TYR A 257 13.33 2.39 -15.08
N PRO A 258 13.95 1.77 -14.06
CA PRO A 258 13.34 1.29 -12.82
C PRO A 258 12.75 2.38 -11.94
N ALA A 259 11.66 2.04 -11.26
CA ALA A 259 10.99 2.97 -10.35
C ALA A 259 10.94 2.35 -8.96
N ASP A 260 11.25 3.14 -7.94
CA ASP A 260 11.43 2.61 -6.58
C ASP A 260 10.44 3.20 -5.59
N LEU A 262 10.51 3.32 -1.48
CA LEU A 262 11.33 3.01 -0.31
C LEU A 262 10.52 3.04 0.98
N VAL A 263 10.77 2.09 1.87
CA VAL A 263 10.09 2.06 3.16
C VAL A 263 11.16 1.96 4.25
N ASP A 264 11.23 3.00 5.09
CA ASP A 264 12.23 3.08 6.16
C ASP A 264 11.69 2.22 7.31
N TRP A 265 10.40 2.29 7.58
CA TRP A 265 9.84 1.44 8.64
C TRP A 265 8.34 1.39 8.59
N VAL A 266 7.79 0.36 9.24
CA VAL A 266 6.37 0.25 9.50
C VAL A 266 6.25 -0.05 10.98
N ARG A 267 5.34 0.62 11.66
CA ARG A 267 5.20 0.46 13.11
C ARG A 267 3.74 0.51 13.51
N VAL A 268 3.33 -0.37 14.41
CA VAL A 268 1.97 -0.39 14.89
C VAL A 268 2.00 -0.53 16.41
N TRP A 269 1.26 0.34 17.08
CA TRP A 269 1.25 0.36 18.52
C TRP A 269 -0.07 0.85 19.09
#